data_3FHV
#
_entry.id   3FHV
#
_cell.length_a   77.799
_cell.length_b   114.368
_cell.length_c   31.772
_cell.angle_alpha   90.00
_cell.angle_beta   90.00
_cell.angle_gamma   90.00
#
_symmetry.space_group_name_H-M   'P 21 21 2'
#
loop_
_entity.id
_entity.type
_entity.pdbx_description
1 polymer Prepilin
2 polymer 'cftr peptide'
3 water water
#
loop_
_entity_poly.entity_id
_entity_poly.type
_entity_poly.pdbx_seq_one_letter_code
_entity_poly.pdbx_strand_id
1 'polypeptide(L)'
;MWGKKDAGTELTNYQTLATNTIGMMKGVDGYAFTSGAKMTDTLIQAGAAKGMTVSGDPASGSATLWNSWGGQIVVAPDTA
GGTGFNNGFTITTNKVPQSACVSISTGMSRSGGTSGIKINGNNHTDAKVTAEIASSECTADNGRTGTNTLVFNYNG
;
A,B
2 'polypeptide(L)' S(DTY)D(DPR)DNKE(DGL)(DAR) C
#
# COMPACT_ATOMS: atom_id res chain seq x y z
N ALA A 7 -4.47 -15.70 -7.30
CA ALA A 7 -5.18 -14.44 -6.93
C ALA A 7 -4.50 -13.75 -5.75
N GLY A 8 -3.22 -14.04 -5.57
CA GLY A 8 -2.46 -13.44 -4.49
C GLY A 8 -2.41 -11.92 -4.56
N THR A 9 -2.14 -11.40 -5.75
CA THR A 9 -2.06 -9.95 -5.94
C THR A 9 -3.44 -9.34 -5.68
N GLU A 10 -4.46 -9.98 -6.23
CA GLU A 10 -5.83 -9.52 -6.08
C GLU A 10 -6.23 -9.40 -4.62
N LEU A 11 -5.91 -10.44 -3.84
CA LEU A 11 -6.24 -10.44 -2.42
C LEU A 11 -5.56 -9.28 -1.70
N THR A 12 -4.28 -9.11 -1.98
CA THR A 12 -3.50 -8.04 -1.38
C THR A 12 -4.06 -6.67 -1.80
N ASN A 13 -4.53 -6.58 -3.04
CA ASN A 13 -5.08 -5.32 -3.53
C ASN A 13 -6.33 -4.92 -2.78
N TYR A 14 -7.24 -5.85 -2.55
CA TYR A 14 -8.46 -5.53 -1.83
C TYR A 14 -8.17 -5.23 -0.37
N GLN A 15 -7.25 -5.97 0.22
CA GLN A 15 -6.91 -5.76 1.63
C GLN A 15 -6.29 -4.38 1.85
N THR A 16 -5.36 -4.01 0.98
CA THR A 16 -4.71 -2.71 1.11
C THR A 16 -5.66 -1.57 0.78
N LEU A 17 -6.52 -1.76 -0.23
CA LEU A 17 -7.48 -0.75 -0.62
C LEU A 17 -8.39 -0.47 0.58
N ALA A 18 -8.78 -1.54 1.28
CA ALA A 18 -9.62 -1.41 2.47
C ALA A 18 -8.88 -0.61 3.55
N THR A 19 -7.62 -0.99 3.80
CA THR A 19 -6.83 -0.29 4.80
C THR A 19 -6.68 1.19 4.47
N ASN A 20 -6.41 1.50 3.19
CA ASN A 20 -6.28 2.88 2.75
C ASN A 20 -7.59 3.64 2.92
N THR A 21 -8.70 2.98 2.59
CA THR A 21 -9.99 3.60 2.73
C THR A 21 -10.30 3.90 4.20
N ILE A 22 -10.01 2.95 5.08
CA ILE A 22 -10.25 3.18 6.51
C ILE A 22 -9.43 4.38 6.96
N GLY A 23 -8.19 4.47 6.49
CA GLY A 23 -7.33 5.58 6.85
C GLY A 23 -7.91 6.91 6.38
N MET A 24 -8.39 6.93 5.13
CA MET A 24 -8.99 8.14 4.58
C MET A 24 -10.27 8.54 5.30
N MET A 25 -11.11 7.57 5.62
CA MET A 25 -12.38 7.87 6.30
C MET A 25 -12.21 8.43 7.70
N LYS A 26 -11.11 8.08 8.36
CA LYS A 26 -10.87 8.57 9.71
C LYS A 26 -10.71 10.09 9.69
N GLY A 27 -10.41 10.64 8.52
CA GLY A 27 -10.23 12.08 8.39
C GLY A 27 -11.46 12.83 7.93
N VAL A 28 -12.52 12.12 7.57
CA VAL A 28 -13.74 12.77 7.12
C VAL A 28 -14.71 12.96 8.28
N ASP A 29 -15.23 14.17 8.41
CA ASP A 29 -16.17 14.50 9.47
C ASP A 29 -17.10 15.61 9.01
N GLY A 30 -18.41 15.42 9.23
CA GLY A 30 -19.36 16.43 8.83
C GLY A 30 -19.93 16.23 7.45
N TYR A 31 -19.38 15.24 6.73
CA TYR A 31 -19.85 14.94 5.39
C TYR A 31 -19.63 13.47 5.06
N ALA A 32 -20.26 13.01 3.99
CA ALA A 32 -20.11 11.62 3.58
C ALA A 32 -20.27 11.46 2.09
N PHE A 33 -19.73 10.37 1.55
CA PHE A 33 -19.84 10.09 0.13
C PHE A 33 -21.25 9.59 -0.13
N THR A 34 -21.82 10.00 -1.25
CA THR A 34 -23.18 9.59 -1.60
C THR A 34 -23.20 8.65 -2.81
N SER A 35 -22.02 8.34 -3.35
CA SER A 35 -21.94 7.43 -4.49
C SER A 35 -20.58 6.77 -4.57
N GLY A 36 -20.56 5.55 -5.08
CA GLY A 36 -19.30 4.84 -5.22
C GLY A 36 -18.40 5.52 -6.24
N ALA A 37 -18.98 6.09 -7.28
CA ALA A 37 -18.19 6.76 -8.30
C ALA A 37 -17.29 7.83 -7.70
N LYS A 38 -17.85 8.63 -6.80
CA LYS A 38 -17.09 9.71 -6.17
C LYS A 38 -16.09 9.22 -5.14
N MET A 39 -16.51 8.27 -4.32
CA MET A 39 -15.64 7.73 -3.29
C MET A 39 -14.45 7.00 -3.92
N THR A 40 -14.72 6.27 -5.00
CA THR A 40 -13.68 5.52 -5.69
C THR A 40 -12.69 6.48 -6.38
N ASP A 41 -13.21 7.54 -6.99
CA ASP A 41 -12.34 8.50 -7.65
C ASP A 41 -11.41 9.18 -6.63
N THR A 42 -11.96 9.55 -5.47
CA THR A 42 -11.17 10.19 -4.42
C THR A 42 -10.03 9.28 -3.97
N LEU A 43 -10.34 8.00 -3.77
CA LEU A 43 -9.34 7.02 -3.35
C LEU A 43 -8.25 6.88 -4.41
N ILE A 44 -8.65 6.82 -5.67
CA ILE A 44 -7.68 6.72 -6.75
C ILE A 44 -6.78 7.96 -6.72
N GLN A 45 -7.37 9.13 -6.51
CA GLN A 45 -6.61 10.37 -6.47
C GLN A 45 -5.53 10.33 -5.40
N ALA A 46 -5.84 9.73 -4.24
CA ALA A 46 -4.89 9.63 -3.15
C ALA A 46 -3.83 8.55 -3.36
N GLY A 47 -3.94 7.80 -4.46
CA GLY A 47 -2.98 6.75 -4.72
C GLY A 47 -3.23 5.50 -3.89
N ALA A 48 -4.47 5.31 -3.46
CA ALA A 48 -4.82 4.15 -2.64
C ALA A 48 -5.08 2.87 -3.45
N ALA A 49 -4.94 2.94 -4.77
CA ALA A 49 -5.21 1.78 -5.62
C ALA A 49 -4.11 1.51 -6.64
N LYS A 50 -2.86 1.78 -6.26
CA LYS A 50 -1.72 1.59 -7.16
C LYS A 50 -1.63 0.22 -7.85
N GLY A 51 -1.79 -0.87 -7.10
CA GLY A 51 -1.69 -2.19 -7.70
C GLY A 51 -2.81 -2.62 -8.63
N MET A 52 -3.87 -1.82 -8.74
CA MET A 52 -4.99 -2.17 -9.61
C MET A 52 -4.99 -1.32 -10.88
N THR A 53 -5.89 -1.63 -11.79
CA THR A 53 -5.99 -0.91 -13.04
C THR A 53 -6.88 0.32 -12.91
N VAL A 54 -6.31 1.47 -13.22
CA VAL A 54 -7.01 2.75 -13.14
C VAL A 54 -7.23 3.33 -14.51
N SER A 55 -8.47 3.73 -14.78
CA SER A 55 -8.81 4.34 -16.06
C SER A 55 -9.89 5.40 -15.89
N GLY A 56 -10.72 5.57 -16.91
CA GLY A 56 -11.76 6.59 -16.85
C GLY A 56 -11.08 7.93 -17.08
N ASP A 57 -11.37 8.91 -16.23
CA ASP A 57 -10.78 10.24 -16.37
C ASP A 57 -10.33 10.85 -15.04
N PRO A 58 -9.20 10.38 -14.48
CA PRO A 58 -8.73 10.93 -13.20
C PRO A 58 -8.42 12.42 -13.23
N ALA A 59 -8.09 12.94 -14.41
CA ALA A 59 -7.79 14.37 -14.54
C ALA A 59 -9.06 15.20 -14.37
N SER A 60 -10.22 14.53 -14.45
CA SER A 60 -11.50 15.22 -14.31
C SER A 60 -12.27 14.74 -13.08
N GLY A 61 -11.63 13.95 -12.24
CA GLY A 61 -12.29 13.45 -11.05
C GLY A 61 -13.30 12.37 -11.37
N SER A 62 -13.04 11.63 -12.45
CA SER A 62 -13.93 10.54 -12.85
C SER A 62 -13.15 9.27 -13.13
N ALA A 63 -12.17 9.00 -12.27
CA ALA A 63 -11.35 7.80 -12.43
C ALA A 63 -12.13 6.57 -11.98
N THR A 64 -11.93 5.48 -12.70
CA THR A 64 -12.58 4.22 -12.36
C THR A 64 -11.52 3.16 -12.07
N LEU A 65 -11.92 2.14 -11.31
CA LEU A 65 -11.02 1.07 -10.90
C LEU A 65 -11.45 -0.26 -11.50
N TRP A 66 -10.48 -1.07 -11.90
CA TRP A 66 -10.79 -2.36 -12.52
C TRP A 66 -10.01 -3.47 -11.82
N ASN A 67 -10.55 -4.68 -11.85
CA ASN A 67 -9.80 -5.83 -11.36
C ASN A 67 -9.00 -6.46 -12.49
N SER A 68 -8.25 -7.50 -12.14
CA SER A 68 -7.41 -8.20 -13.11
C SER A 68 -8.13 -8.73 -14.34
N TRP A 69 -9.42 -8.98 -14.24
CA TRP A 69 -10.17 -9.54 -15.36
C TRP A 69 -11.01 -8.54 -16.13
N GLY A 70 -10.87 -7.26 -15.84
CA GLY A 70 -11.65 -6.27 -16.55
C GLY A 70 -13.01 -6.00 -15.93
N GLY A 71 -13.26 -6.56 -14.76
CA GLY A 71 -14.51 -6.30 -14.06
C GLY A 71 -14.32 -5.04 -13.23
N GLN A 72 -15.35 -4.24 -13.07
CA GLN A 72 -15.21 -3.01 -12.31
C GLN A 72 -15.13 -3.22 -10.80
N ILE A 73 -14.32 -2.38 -10.15
CA ILE A 73 -14.18 -2.41 -8.69
C ILE A 73 -14.76 -1.07 -8.22
N VAL A 74 -15.66 -1.12 -7.26
CA VAL A 74 -16.25 0.10 -6.74
C VAL A 74 -16.24 0.13 -5.20
N VAL A 75 -15.74 1.23 -4.64
CA VAL A 75 -15.71 1.43 -3.20
C VAL A 75 -16.86 2.38 -2.96
N ALA A 76 -17.83 1.96 -2.15
CA ALA A 76 -19.00 2.79 -1.92
C ALA A 76 -19.42 2.87 -0.46
N PRO A 77 -20.02 4.01 -0.06
CA PRO A 77 -20.46 4.19 1.32
C PRO A 77 -21.61 3.25 1.62
N ASP A 78 -21.68 2.78 2.85
CA ASP A 78 -22.76 1.88 3.25
C ASP A 78 -23.71 2.68 4.14
N THR A 79 -24.71 3.28 3.51
CA THR A 79 -25.70 4.10 4.23
C THR A 79 -24.99 5.03 5.22
N ALA A 80 -24.16 5.91 4.68
CA ALA A 80 -23.39 6.86 5.49
C ALA A 80 -24.31 7.87 6.19
N GLY A 81 -24.24 7.89 7.52
CA GLY A 81 -25.06 8.80 8.30
C GLY A 81 -25.70 8.13 9.50
N GLY A 82 -25.28 8.55 10.69
CA GLY A 82 -25.83 7.98 11.91
C GLY A 82 -25.77 8.95 13.07
N THR A 83 -25.88 10.23 12.77
CA THR A 83 -25.83 11.28 13.78
C THR A 83 -24.67 11.10 14.75
N GLY A 84 -23.48 10.89 14.19
CA GLY A 84 -22.30 10.70 15.02
C GLY A 84 -21.02 10.62 14.20
N PHE A 85 -20.49 9.41 14.04
CA PHE A 85 -19.27 9.20 13.28
C PHE A 85 -19.59 8.49 11.97
N ASN A 86 -18.62 8.47 11.06
CA ASN A 86 -18.79 7.83 9.76
C ASN A 86 -19.10 6.34 9.92
N ASN A 87 -20.03 5.84 9.10
CA ASN A 87 -20.38 4.43 9.15
C ASN A 87 -19.34 3.61 8.39
N GLY A 88 -19.81 2.63 7.62
CA GLY A 88 -18.86 1.81 6.88
C GLY A 88 -18.91 2.02 5.38
N PHE A 89 -18.28 1.09 4.66
CA PHE A 89 -18.24 1.14 3.20
C PHE A 89 -18.09 -0.28 2.71
N THR A 90 -18.25 -0.47 1.41
CA THR A 90 -18.11 -1.78 0.80
C THR A 90 -17.14 -1.68 -0.37
N ILE A 91 -16.47 -2.80 -0.66
CA ILE A 91 -15.59 -2.86 -1.82
C ILE A 91 -16.21 -3.99 -2.63
N THR A 92 -16.74 -3.64 -3.80
CA THR A 92 -17.37 -4.61 -4.68
C THR A 92 -16.47 -4.86 -5.87
N THR A 93 -16.29 -6.12 -6.24
CA THR A 93 -15.48 -6.46 -7.41
C THR A 93 -16.32 -7.39 -8.28
N ASN A 94 -16.44 -7.03 -9.56
CA ASN A 94 -17.27 -7.76 -10.53
C ASN A 94 -16.60 -8.70 -11.53
N LYS A 95 -17.40 -9.61 -12.06
CA LYS A 95 -16.98 -10.58 -13.07
C LYS A 95 -15.74 -11.37 -12.66
N VAL A 96 -15.69 -11.77 -11.40
CA VAL A 96 -14.57 -12.54 -10.90
C VAL A 96 -14.75 -14.00 -11.33
N PRO A 97 -13.70 -14.59 -11.93
CA PRO A 97 -13.73 -15.99 -12.39
C PRO A 97 -13.92 -16.94 -11.21
N GLN A 98 -14.41 -18.14 -11.48
CA GLN A 98 -14.69 -19.12 -10.43
C GLN A 98 -13.55 -19.42 -9.47
N SER A 99 -12.39 -19.78 -10.02
CA SER A 99 -11.23 -20.11 -9.20
C SER A 99 -10.82 -18.95 -8.30
N ALA A 100 -10.74 -17.76 -8.88
CA ALA A 100 -10.35 -16.56 -8.13
C ALA A 100 -11.37 -16.24 -7.05
N CYS A 101 -12.66 -16.40 -7.38
CA CYS A 101 -13.71 -16.13 -6.41
C CYS A 101 -13.52 -16.98 -5.16
N VAL A 102 -13.15 -18.23 -5.34
CA VAL A 102 -12.95 -19.12 -4.20
C VAL A 102 -11.74 -18.72 -3.37
N SER A 103 -10.62 -18.46 -4.04
CA SER A 103 -9.40 -18.08 -3.33
C SER A 103 -9.50 -16.70 -2.68
N ILE A 104 -10.12 -15.75 -3.36
CA ILE A 104 -10.25 -14.41 -2.81
C ILE A 104 -11.23 -14.35 -1.64
N SER A 105 -12.40 -14.97 -1.80
CA SER A 105 -13.38 -14.95 -0.73
C SER A 105 -12.84 -15.63 0.53
N THR A 106 -12.22 -16.79 0.37
CA THR A 106 -11.68 -17.48 1.54
C THR A 106 -10.50 -16.71 2.13
N GLY A 107 -9.70 -16.12 1.25
CA GLY A 107 -8.56 -15.35 1.72
C GLY A 107 -8.97 -14.15 2.56
N MET A 108 -10.00 -13.44 2.13
CA MET A 108 -10.50 -12.27 2.85
C MET A 108 -11.09 -12.71 4.19
N SER A 109 -11.69 -13.90 4.22
CA SER A 109 -12.27 -14.43 5.45
C SER A 109 -11.15 -14.69 6.46
N ARG A 110 -10.10 -15.38 6.02
CA ARG A 110 -8.96 -15.71 6.88
C ARG A 110 -8.21 -14.46 7.33
N SER A 111 -8.06 -13.50 6.41
CA SER A 111 -7.37 -12.25 6.72
C SER A 111 -8.05 -11.63 7.94
N GLY A 112 -9.36 -11.88 8.07
CA GLY A 112 -10.12 -11.39 9.20
C GLY A 112 -10.43 -9.91 9.34
N GLY A 113 -10.12 -9.09 8.34
CA GLY A 113 -10.38 -7.66 8.46
C GLY A 113 -11.73 -7.11 8.08
N THR A 114 -12.57 -7.90 7.42
CA THR A 114 -13.88 -7.40 7.01
C THR A 114 -14.92 -7.57 8.10
N SER A 115 -16.08 -6.96 7.87
CA SER A 115 -17.20 -7.08 8.78
C SER A 115 -18.28 -7.82 8.00
N GLY A 116 -17.84 -8.56 6.98
CA GLY A 116 -18.78 -9.30 6.17
C GLY A 116 -18.26 -9.49 4.76
N ILE A 117 -18.59 -10.64 4.18
CA ILE A 117 -18.17 -10.99 2.84
C ILE A 117 -19.37 -11.56 2.08
N LYS A 118 -19.60 -11.03 0.88
CA LYS A 118 -20.72 -11.47 0.07
C LYS A 118 -20.27 -12.09 -1.24
N ILE A 119 -20.84 -13.23 -1.58
CA ILE A 119 -20.53 -13.90 -2.84
C ILE A 119 -21.87 -13.96 -3.55
N ASN A 120 -22.01 -13.14 -4.60
CA ASN A 120 -23.26 -13.08 -5.35
C ASN A 120 -24.38 -12.74 -4.35
N GLY A 121 -25.45 -13.52 -4.31
CA GLY A 121 -26.52 -13.21 -3.38
C GLY A 121 -26.38 -13.83 -2.00
N ASN A 122 -25.15 -14.18 -1.62
CA ASN A 122 -24.92 -14.80 -0.32
C ASN A 122 -24.11 -13.88 0.58
N ASN A 123 -24.75 -13.36 1.62
CA ASN A 123 -24.09 -12.43 2.53
C ASN A 123 -23.65 -13.04 3.84
N HIS A 124 -22.35 -13.35 3.93
CA HIS A 124 -21.77 -13.93 5.13
C HIS A 124 -21.42 -12.87 6.15
N THR A 125 -22.44 -12.36 6.84
CA THR A 125 -22.27 -11.25 7.77
C THR A 125 -21.36 -11.58 8.95
N ASP A 126 -21.07 -12.87 9.12
CA ASP A 126 -20.17 -13.27 10.20
C ASP A 126 -18.73 -13.22 9.70
N ALA A 127 -18.56 -12.80 8.44
CA ALA A 127 -17.25 -12.68 7.81
C ALA A 127 -16.49 -14.01 7.75
N LYS A 128 -17.22 -15.11 7.78
CA LYS A 128 -16.57 -16.40 7.69
C LYS A 128 -16.98 -17.09 6.39
N VAL A 129 -16.00 -17.35 5.53
CA VAL A 129 -16.27 -18.04 4.27
C VAL A 129 -15.23 -19.14 4.14
N THR A 130 -15.70 -20.38 4.07
CA THR A 130 -14.83 -21.54 3.94
C THR A 130 -14.68 -21.94 2.48
N ALA A 131 -13.67 -22.75 2.19
CA ALA A 131 -13.43 -23.20 0.83
C ALA A 131 -14.67 -23.96 0.36
N GLU A 132 -15.29 -24.70 1.28
CA GLU A 132 -16.47 -25.49 0.93
C GLU A 132 -17.62 -24.56 0.56
N ILE A 133 -17.80 -23.48 1.30
CA ILE A 133 -18.89 -22.54 1.00
C ILE A 133 -18.62 -21.84 -0.34
N ALA A 134 -17.42 -21.30 -0.48
CA ALA A 134 -17.06 -20.57 -1.69
C ALA A 134 -17.20 -21.43 -2.95
N SER A 135 -16.66 -22.65 -2.92
CA SER A 135 -16.74 -23.55 -4.07
C SER A 135 -18.16 -23.68 -4.57
N SER A 136 -19.11 -23.71 -3.65
CA SER A 136 -20.49 -23.87 -4.02
C SER A 136 -21.13 -22.56 -4.50
N GLU A 137 -20.93 -21.49 -3.74
CA GLU A 137 -21.52 -20.20 -4.08
C GLU A 137 -20.89 -19.49 -5.27
N CYS A 138 -19.61 -19.73 -5.53
CA CYS A 138 -18.95 -19.10 -6.67
C CYS A 138 -19.42 -19.86 -7.91
N THR A 139 -19.94 -19.15 -8.89
CA THR A 139 -20.45 -19.78 -10.11
C THR A 139 -19.44 -19.95 -11.24
N ALA A 140 -19.70 -20.94 -12.09
CA ALA A 140 -18.82 -21.24 -13.21
C ALA A 140 -18.65 -20.06 -14.18
N ASP A 141 -17.51 -20.01 -14.86
CA ASP A 141 -17.28 -18.93 -15.82
C ASP A 141 -18.14 -19.18 -17.05
N ASN A 142 -18.35 -18.13 -17.84
CA ASN A 142 -19.07 -18.23 -19.10
C ASN A 142 -17.96 -18.07 -20.13
N GLY A 143 -17.43 -19.20 -20.58
CA GLY A 143 -16.33 -19.13 -21.52
C GLY A 143 -15.14 -18.64 -20.71
N ARG A 144 -14.58 -17.49 -21.06
CA ARG A 144 -13.46 -16.97 -20.30
C ARG A 144 -13.87 -15.78 -19.44
N THR A 145 -15.18 -15.60 -19.28
CA THR A 145 -15.70 -14.48 -18.49
C THR A 145 -16.22 -14.91 -17.12
N GLY A 146 -15.73 -14.23 -16.09
CA GLY A 146 -16.16 -14.55 -14.73
C GLY A 146 -17.58 -14.09 -14.50
N THR A 147 -18.30 -14.81 -13.64
CA THR A 147 -19.69 -14.46 -13.35
C THR A 147 -19.96 -14.12 -11.89
N ASN A 148 -18.90 -13.95 -11.10
CA ASN A 148 -19.07 -13.66 -9.68
C ASN A 148 -18.87 -12.21 -9.25
N THR A 149 -19.73 -11.78 -8.33
CA THR A 149 -19.65 -10.44 -7.75
C THR A 149 -19.30 -10.66 -6.27
N LEU A 150 -18.19 -10.09 -5.81
CA LEU A 150 -17.78 -10.22 -4.42
C LEU A 150 -17.91 -8.86 -3.78
N VAL A 151 -18.40 -8.84 -2.54
CA VAL A 151 -18.51 -7.58 -1.81
C VAL A 151 -17.89 -7.75 -0.44
N PHE A 152 -17.02 -6.80 -0.08
CA PHE A 152 -16.35 -6.84 1.22
C PHE A 152 -16.83 -5.65 2.04
N ASN A 153 -17.42 -5.93 3.19
CA ASN A 153 -17.90 -4.87 4.09
C ASN A 153 -16.91 -4.61 5.23
N TYR A 154 -17.16 -3.54 5.98
CA TYR A 154 -16.12 -2.91 6.78
C TYR A 154 -16.72 -2.00 7.85
N ASN A 155 -16.54 -2.39 9.11
CA ASN A 155 -17.46 -2.00 10.17
C ASN A 155 -18.89 -1.87 9.68
N GLY A 156 -19.76 -2.78 10.13
CA GLY A 156 -21.18 -2.58 10.02
C GLY A 156 -21.77 -3.31 8.83
N ALA B 7 10.42 15.05 13.23
CA ALA B 7 9.28 15.50 14.07
C ALA B 7 8.01 15.52 13.23
N GLY B 8 8.14 15.90 11.96
CA GLY B 8 6.98 15.92 11.07
C GLY B 8 6.54 14.52 10.67
N THR B 9 5.34 14.41 10.13
CA THR B 9 4.80 13.11 9.72
C THR B 9 5.73 12.31 8.80
N GLU B 10 6.15 12.92 7.69
CA GLU B 10 7.02 12.25 6.73
C GLU B 10 8.30 11.69 7.34
N LEU B 11 9.02 12.53 8.08
CA LEU B 11 10.26 12.10 8.71
C LEU B 11 9.96 11.01 9.72
N THR B 12 8.89 11.19 10.50
CA THR B 12 8.51 10.22 11.50
C THR B 12 8.21 8.89 10.85
N ASN B 13 7.60 8.91 9.66
CA ASN B 13 7.28 7.68 8.94
C ASN B 13 8.53 6.83 8.72
N TYR B 14 9.60 7.47 8.27
CA TYR B 14 10.85 6.78 7.98
C TYR B 14 11.49 6.23 9.26
N GLN B 15 11.42 7.01 10.33
CA GLN B 15 12.01 6.60 11.59
C GLN B 15 11.25 5.45 12.22
N THR B 16 9.92 5.49 12.15
CA THR B 16 9.14 4.39 12.71
C THR B 16 9.34 3.15 11.85
N LEU B 17 9.41 3.33 10.53
CA LEU B 17 9.64 2.20 9.62
C LEU B 17 10.96 1.53 9.98
N ALA B 18 11.99 2.32 10.20
CA ALA B 18 13.30 1.76 10.53
C ALA B 18 13.33 1.00 11.84
N THR B 19 12.76 1.58 12.89
CA THR B 19 12.79 0.90 14.18
C THR B 19 11.98 -0.40 14.12
N ASN B 20 10.82 -0.35 13.45
CA ASN B 20 9.98 -1.54 13.31
C ASN B 20 10.70 -2.63 12.51
N THR B 21 11.48 -2.22 11.52
CA THR B 21 12.23 -3.18 10.70
C THR B 21 13.36 -3.80 11.51
N ILE B 22 14.04 -2.99 12.30
CA ILE B 22 15.12 -3.49 13.14
C ILE B 22 14.56 -4.56 14.07
N GLY B 23 13.38 -4.26 14.63
CA GLY B 23 12.72 -5.19 15.54
C GLY B 23 12.30 -6.47 14.85
N MET B 24 11.78 -6.35 13.63
CA MET B 24 11.33 -7.51 12.86
C MET B 24 12.50 -8.43 12.52
N MET B 25 13.60 -7.84 12.06
CA MET B 25 14.78 -8.61 11.70
C MET B 25 15.37 -9.33 12.92
N LYS B 26 15.36 -8.64 14.06
CA LYS B 26 15.86 -9.23 15.30
C LYS B 26 15.02 -10.43 15.70
N GLY B 27 13.73 -10.36 15.41
CA GLY B 27 12.81 -11.42 15.78
C GLY B 27 12.83 -12.66 14.90
N VAL B 28 13.38 -12.52 13.69
CA VAL B 28 13.48 -13.62 12.74
C VAL B 28 14.54 -14.63 13.16
N ASP B 29 14.17 -15.90 13.18
CA ASP B 29 15.08 -16.97 13.57
C ASP B 29 15.04 -18.16 12.60
N GLY B 30 16.18 -18.45 11.97
CA GLY B 30 16.25 -19.57 11.06
C GLY B 30 16.13 -19.25 9.57
N TYR B 31 15.75 -18.02 9.24
CA TYR B 31 15.61 -17.63 7.85
C TYR B 31 15.95 -16.17 7.64
N ALA B 32 16.11 -15.77 6.38
CA ALA B 32 16.45 -14.41 6.04
C ALA B 32 15.76 -13.95 4.77
N PHE B 33 15.46 -12.66 4.70
CA PHE B 33 14.82 -12.10 3.53
C PHE B 33 15.87 -12.00 2.42
N THR B 34 15.44 -12.20 1.19
CA THR B 34 16.33 -12.14 0.05
C THR B 34 15.82 -11.16 -1.00
N SER B 35 14.64 -10.57 -0.75
CA SER B 35 14.10 -9.61 -1.69
C SER B 35 13.41 -8.47 -0.94
N GLY B 36 13.43 -7.28 -1.54
CA GLY B 36 12.77 -6.15 -0.91
C GLY B 36 11.27 -6.41 -0.97
N ALA B 37 10.83 -7.07 -2.03
CA ALA B 37 9.40 -7.36 -2.19
C ALA B 37 8.87 -8.13 -0.98
N LYS B 38 9.57 -9.18 -0.57
CA LYS B 38 9.16 -10.00 0.56
C LYS B 38 9.33 -9.30 1.89
N MET B 39 10.49 -8.66 2.08
CA MET B 39 10.75 -7.95 3.33
C MET B 39 9.73 -6.84 3.60
N THR B 40 9.37 -6.09 2.56
CA THR B 40 8.43 -5.00 2.72
C THR B 40 7.03 -5.54 2.99
N ASP B 41 6.68 -6.65 2.33
CA ASP B 41 5.37 -7.27 2.54
C ASP B 41 5.22 -7.70 4.01
N THR B 42 6.26 -8.35 4.53
CA THR B 42 6.24 -8.83 5.91
C THR B 42 6.10 -7.68 6.89
N LEU B 43 6.80 -6.59 6.61
CA LEU B 43 6.75 -5.41 7.46
C LEU B 43 5.33 -4.88 7.47
N ILE B 44 4.71 -4.80 6.28
CA ILE B 44 3.34 -4.32 6.17
C ILE B 44 2.40 -5.25 6.93
N GLN B 45 2.58 -6.56 6.77
CA GLN B 45 1.71 -7.52 7.46
C GLN B 45 1.88 -7.40 8.98
N ALA B 46 3.04 -6.93 9.41
CA ALA B 46 3.34 -6.77 10.82
C ALA B 46 2.74 -5.50 11.42
N GLY B 47 2.06 -4.71 10.58
CA GLY B 47 1.45 -3.48 11.03
C GLY B 47 2.41 -2.31 11.13
N ALA B 48 3.60 -2.50 10.57
CA ALA B 48 4.64 -1.48 10.61
C ALA B 48 4.43 -0.27 9.72
N ALA B 49 3.47 -0.34 8.81
CA ALA B 49 3.24 0.77 7.90
C ALA B 49 1.84 1.39 8.00
N LYS B 50 1.15 1.13 9.11
CA LYS B 50 -0.19 1.68 9.28
C LYS B 50 -0.10 3.19 9.21
N GLY B 51 -0.98 3.81 8.43
CA GLY B 51 -0.97 5.25 8.30
C GLY B 51 -0.33 5.69 6.99
N MET B 52 0.38 4.76 6.34
CA MET B 52 1.01 5.04 5.06
C MET B 52 0.23 4.29 3.99
N THR B 53 0.31 4.78 2.75
CA THR B 53 -0.41 4.13 1.65
C THR B 53 0.26 2.83 1.23
N VAL B 54 -0.54 1.78 1.12
CA VAL B 54 -0.07 0.48 0.72
C VAL B 54 -0.88 -0.07 -0.46
N SER B 55 -0.31 -1.02 -1.17
CA SER B 55 -1.01 -1.64 -2.29
C SER B 55 -0.46 -3.03 -2.54
N GLY B 56 -0.82 -3.62 -3.68
CA GLY B 56 -0.35 -4.96 -4.00
C GLY B 56 0.51 -5.01 -5.26
N ASP B 57 1.55 -5.84 -5.22
CA ASP B 57 2.46 -5.98 -6.34
C ASP B 57 1.99 -7.08 -7.29
N PRO B 58 1.67 -6.70 -8.54
CA PRO B 58 1.21 -7.66 -9.56
C PRO B 58 2.21 -8.77 -9.85
N ALA B 59 3.50 -8.49 -9.60
CA ALA B 59 4.53 -9.47 -9.87
C ALA B 59 4.63 -10.58 -8.81
N SER B 60 4.68 -10.18 -7.54
CA SER B 60 4.83 -11.14 -6.45
C SER B 60 3.60 -11.37 -5.60
N GLY B 61 2.63 -10.46 -5.67
CA GLY B 61 1.45 -10.62 -4.84
C GLY B 61 1.71 -10.03 -3.45
N SER B 62 2.92 -9.52 -3.23
CA SER B 62 3.28 -8.92 -1.95
C SER B 62 2.74 -7.49 -1.81
N ALA B 63 2.54 -7.04 -0.57
CA ALA B 63 2.06 -5.70 -0.32
C ALA B 63 3.19 -4.72 -0.58
N THR B 64 2.86 -3.56 -1.16
CA THR B 64 3.83 -2.54 -1.48
C THR B 64 3.59 -1.28 -0.65
N LEU B 65 4.63 -0.49 -0.46
CA LEU B 65 4.54 0.72 0.37
C LEU B 65 4.93 1.96 -0.43
N TRP B 66 4.33 3.09 -0.07
CA TRP B 66 4.32 4.26 -0.94
C TRP B 66 4.41 5.55 -0.13
N ASN B 67 5.35 6.41 -0.53
CA ASN B 67 5.64 7.62 0.25
C ASN B 67 4.62 8.72 -0.01
N SER B 68 4.78 9.83 0.70
CA SER B 68 3.79 10.92 0.64
C SER B 68 3.70 11.65 -0.69
N TRP B 69 4.64 11.41 -1.59
CA TRP B 69 4.63 12.10 -2.86
C TRP B 69 4.25 11.24 -4.06
N GLY B 70 3.99 9.96 -3.83
CA GLY B 70 3.63 9.07 -4.94
C GLY B 70 4.74 8.13 -5.36
N GLY B 71 5.91 8.28 -4.74
CA GLY B 71 7.02 7.40 -5.06
C GLY B 71 6.91 6.12 -4.25
N GLN B 72 7.69 5.11 -4.61
CA GLN B 72 7.62 3.86 -3.85
C GLN B 72 8.65 3.87 -2.73
N ILE B 73 8.40 3.06 -1.71
CA ILE B 73 9.32 2.89 -0.59
C ILE B 73 9.56 1.39 -0.56
N VAL B 74 10.83 1.00 -0.63
CA VAL B 74 11.18 -0.41 -0.60
C VAL B 74 12.16 -0.68 0.52
N VAL B 75 11.80 -1.60 1.41
CA VAL B 75 12.68 -1.98 2.51
C VAL B 75 13.29 -3.29 2.04
N ALA B 76 14.61 -3.30 1.85
CA ALA B 76 15.29 -4.48 1.35
C ALA B 76 16.49 -4.92 2.18
N PRO B 77 16.74 -6.23 2.25
CA PRO B 77 17.88 -6.71 3.03
C PRO B 77 19.17 -6.44 2.27
N ASP B 78 20.27 -6.29 3.01
CA ASP B 78 21.56 -6.07 2.34
C ASP B 78 22.24 -7.43 2.20
N THR B 79 22.28 -7.93 0.97
CA THR B 79 22.90 -9.21 0.68
C THR B 79 24.36 -9.03 0.27
N ALA B 80 24.80 -9.78 -0.74
CA ALA B 80 26.17 -9.69 -1.23
C ALA B 80 26.21 -8.98 -2.58
N GLY B 81 27.02 -7.93 -2.68
CA GLY B 81 27.13 -7.20 -3.92
C GLY B 81 28.47 -7.38 -4.61
N GLY B 82 29.03 -8.58 -4.47
CA GLY B 82 30.32 -8.87 -5.09
C GLY B 82 31.44 -8.05 -4.47
N THR B 83 31.09 -7.19 -3.53
CA THR B 83 32.06 -6.35 -2.85
C THR B 83 31.46 -5.73 -1.60
N GLY B 84 30.14 -5.74 -1.52
CA GLY B 84 29.45 -5.17 -0.37
C GLY B 84 29.37 -6.16 0.78
N PHE B 85 29.42 -5.65 2.01
CA PHE B 85 29.35 -6.50 3.18
C PHE B 85 28.63 -5.84 4.36
N ASN B 86 28.15 -4.62 4.15
CA ASN B 86 27.43 -3.90 5.20
C ASN B 86 26.04 -4.50 5.33
N ASN B 87 25.93 -5.56 6.14
CA ASN B 87 24.67 -6.26 6.35
C ASN B 87 23.53 -5.34 6.78
N GLY B 88 22.50 -5.93 7.37
CA GLY B 88 21.35 -5.15 7.80
C GLY B 88 20.35 -4.97 6.68
N PHE B 89 19.87 -3.74 6.50
CA PHE B 89 18.89 -3.49 5.45
C PHE B 89 18.94 -2.04 5.01
N THR B 90 18.17 -1.73 3.97
CA THR B 90 18.09 -0.35 3.50
C THR B 90 16.63 0.01 3.27
N ILE B 91 16.34 1.30 3.37
CA ILE B 91 15.01 1.81 3.10
C ILE B 91 15.24 2.79 1.96
N THR B 92 14.65 2.48 0.80
CA THR B 92 14.78 3.34 -0.37
C THR B 92 13.43 3.97 -0.70
N THR B 93 13.44 5.28 -0.96
CA THR B 93 12.22 6.02 -1.28
C THR B 93 12.54 6.90 -2.49
N ASN B 94 11.69 6.87 -3.51
CA ASN B 94 11.95 7.65 -4.72
C ASN B 94 10.96 8.77 -5.02
N LYS B 95 11.25 9.52 -6.08
CA LYS B 95 10.39 10.63 -6.51
C LYS B 95 10.23 11.65 -5.39
N VAL B 96 11.28 11.82 -4.59
CA VAL B 96 11.23 12.76 -3.48
C VAL B 96 11.51 14.19 -3.96
N PRO B 97 10.56 15.12 -3.71
CA PRO B 97 10.71 16.52 -4.11
C PRO B 97 11.93 17.11 -3.43
N GLN B 98 12.52 18.13 -4.04
CA GLN B 98 13.73 18.76 -3.50
C GLN B 98 13.61 19.21 -2.05
N SER B 99 12.52 19.91 -1.73
CA SER B 99 12.29 20.40 -0.38
C SER B 99 12.32 19.28 0.64
N ALA B 100 11.57 18.22 0.37
CA ALA B 100 11.51 17.08 1.27
C ALA B 100 12.87 16.37 1.31
N CYS B 101 13.54 16.30 0.17
CA CYS B 101 14.85 15.65 0.10
C CYS B 101 15.82 16.28 1.11
N VAL B 102 15.86 17.60 1.13
CA VAL B 102 16.74 18.30 2.07
C VAL B 102 16.30 18.11 3.53
N SER B 103 15.02 18.30 3.80
CA SER B 103 14.52 18.17 5.18
C SER B 103 14.60 16.75 5.74
N ILE B 104 14.21 15.78 4.94
CA ILE B 104 14.24 14.38 5.36
C ILE B 104 15.67 13.85 5.54
N SER B 105 16.54 14.12 4.57
CA SER B 105 17.91 13.64 4.66
C SER B 105 18.59 14.22 5.90
N THR B 106 18.41 15.52 6.13
CA THR B 106 19.03 16.16 7.29
C THR B 106 18.40 15.63 8.56
N GLY B 107 17.08 15.47 8.54
CA GLY B 107 16.37 14.97 9.69
C GLY B 107 16.82 13.56 10.06
N MET B 108 17.05 12.72 9.06
CA MET B 108 17.50 11.36 9.33
C MET B 108 18.95 11.36 9.85
N SER B 109 19.73 12.35 9.42
CA SER B 109 21.12 12.47 9.88
C SER B 109 21.11 12.84 11.36
N ARG B 110 20.20 13.73 11.73
CA ARG B 110 20.07 14.16 13.12
C ARG B 110 19.52 13.11 14.09
N SER B 111 18.43 12.46 13.70
CA SER B 111 17.77 11.49 14.58
C SER B 111 17.30 10.18 13.95
N GLY B 112 17.80 9.84 12.77
CA GLY B 112 17.38 8.60 12.14
C GLY B 112 18.10 7.34 12.61
N GLY B 113 19.21 7.50 13.31
CA GLY B 113 19.97 6.36 13.81
C GLY B 113 20.50 5.44 12.73
N THR B 114 20.71 5.99 11.55
CA THR B 114 21.19 5.21 10.41
C THR B 114 22.68 4.88 10.48
N SER B 115 23.09 4.00 9.57
CA SER B 115 24.48 3.60 9.43
C SER B 115 24.89 4.13 8.06
N GLY B 116 24.22 5.19 7.62
CA GLY B 116 24.54 5.77 6.33
C GLY B 116 23.31 6.34 5.63
N ILE B 117 23.50 7.44 4.91
CA ILE B 117 22.42 8.08 4.18
C ILE B 117 22.89 8.41 2.76
N LYS B 118 22.14 7.97 1.78
CA LYS B 118 22.48 8.23 0.39
C LYS B 118 21.45 9.14 -0.26
N ILE B 119 21.93 10.17 -0.96
CA ILE B 119 21.06 11.09 -1.69
C ILE B 119 21.54 10.92 -3.13
N ASN B 120 20.70 10.31 -3.96
CA ASN B 120 21.07 10.03 -5.33
C ASN B 120 22.44 9.33 -5.34
N GLY B 121 23.40 9.81 -6.12
CA GLY B 121 24.70 9.15 -6.15
C GLY B 121 25.73 9.60 -5.12
N ASN B 122 25.26 10.01 -3.95
CA ASN B 122 26.13 10.47 -2.88
C ASN B 122 25.83 9.64 -1.64
N ASN B 123 26.80 8.85 -1.22
CA ASN B 123 26.65 7.96 -0.06
C ASN B 123 27.40 8.48 1.16
N HIS B 124 26.66 9.05 2.10
CA HIS B 124 27.24 9.59 3.32
C HIS B 124 27.29 8.43 4.32
N THR B 125 28.36 7.64 4.21
CA THR B 125 28.55 6.47 5.05
C THR B 125 28.76 6.80 6.52
N ASP B 126 29.05 8.07 6.83
CA ASP B 126 29.25 8.49 8.21
C ASP B 126 27.91 8.89 8.85
N ALA B 127 26.82 8.67 8.11
CA ALA B 127 25.48 8.99 8.59
C ALA B 127 25.29 10.46 8.93
N LYS B 128 26.17 11.31 8.39
CA LYS B 128 26.05 12.75 8.66
C LYS B 128 25.78 13.53 7.38
N VAL B 129 24.60 14.15 7.31
CA VAL B 129 24.23 14.94 6.15
C VAL B 129 23.77 16.31 6.64
N THR B 130 24.40 17.37 6.16
CA THR B 130 24.00 18.72 6.55
C THR B 130 23.08 19.29 5.49
N ALA B 131 22.32 20.33 5.84
CA ALA B 131 21.42 20.94 4.86
C ALA B 131 22.21 21.57 3.71
N GLU B 132 23.42 22.04 4.00
CA GLU B 132 24.25 22.63 2.94
C GLU B 132 24.55 21.57 1.87
N ILE B 133 24.90 20.37 2.34
CA ILE B 133 25.20 19.26 1.43
C ILE B 133 23.92 18.81 0.72
N ALA B 134 22.85 18.59 1.49
CA ALA B 134 21.59 18.13 0.91
C ALA B 134 21.06 19.09 -0.15
N SER B 135 21.17 20.38 0.13
CA SER B 135 20.69 21.38 -0.81
C SER B 135 21.41 21.25 -2.15
N SER B 136 22.68 20.89 -2.10
CA SER B 136 23.44 20.73 -3.34
C SER B 136 23.17 19.39 -4.04
N GLU B 137 23.13 18.31 -3.25
CA GLU B 137 22.91 16.97 -3.83
C GLU B 137 21.48 16.67 -4.27
N CYS B 138 20.51 17.26 -3.59
CA CYS B 138 19.11 17.06 -3.94
C CYS B 138 18.82 17.86 -5.20
N THR B 139 18.30 17.19 -6.22
CA THR B 139 17.99 17.83 -7.49
C THR B 139 16.60 18.48 -7.55
N ALA B 140 16.47 19.49 -8.40
CA ALA B 140 15.21 20.23 -8.57
C ALA B 140 14.07 19.36 -9.09
N ASP B 141 12.84 19.76 -8.78
CA ASP B 141 11.65 19.05 -9.23
C ASP B 141 11.40 19.36 -10.70
N ASN B 142 10.67 18.46 -11.37
CA ASN B 142 10.26 18.64 -12.75
C ASN B 142 8.78 18.91 -12.61
N GLY B 143 8.41 20.18 -12.56
CA GLY B 143 7.02 20.52 -12.37
C GLY B 143 6.77 20.24 -10.90
N ARG B 144 5.81 19.36 -10.60
CA ARG B 144 5.51 19.01 -9.22
C ARG B 144 6.09 17.62 -8.92
N THR B 145 6.89 17.09 -9.84
CA THR B 145 7.48 15.77 -9.67
C THR B 145 8.90 15.78 -9.10
N GLY B 146 9.09 15.05 -8.00
CA GLY B 146 10.39 14.98 -7.37
C GLY B 146 11.32 14.06 -8.15
N THR B 147 12.61 14.37 -8.14
CA THR B 147 13.59 13.59 -8.89
C THR B 147 14.66 12.96 -8.00
N ASN B 148 14.44 12.97 -6.70
CA ASN B 148 15.41 12.43 -5.77
C ASN B 148 15.12 11.03 -5.24
N THR B 149 16.19 10.28 -5.02
CA THR B 149 16.10 8.94 -4.45
C THR B 149 16.95 8.99 -3.18
N LEU B 150 16.35 8.63 -2.05
CA LEU B 150 17.07 8.60 -0.79
C LEU B 150 17.15 7.17 -0.30
N VAL B 151 18.28 6.81 0.30
CA VAL B 151 18.44 5.46 0.83
C VAL B 151 18.99 5.58 2.25
N PHE B 152 18.29 4.95 3.19
CA PHE B 152 18.72 4.97 4.58
C PHE B 152 19.22 3.58 4.88
N ASN B 153 20.51 3.49 5.18
CA ASN B 153 21.17 2.22 5.46
C ASN B 153 21.16 1.91 6.95
N TYR B 154 20.78 0.69 7.31
CA TYR B 154 20.77 0.30 8.71
C TYR B 154 21.69 -0.85 9.01
N ASN B 155 22.50 -0.56 10.02
CA ASN B 155 23.57 -1.38 10.54
C ASN B 155 24.38 -2.16 9.55
N GLY B 156 25.43 -1.46 9.14
CA GLY B 156 26.41 -1.95 8.21
C GLY B 156 27.74 -1.63 8.88
N SER C 1 -4.93 6.03 -7.77
CA SER C 1 -3.50 5.72 -7.77
C SER C 1 -2.94 5.68 -9.19
N ASP C 3 -2.86 9.40 -10.23
CA ASP C 3 -2.68 10.75 -9.73
C ASP C 3 -2.52 10.76 -8.21
N ASP C 5 1.10 8.79 -7.42
CA ASP C 5 1.73 7.49 -7.60
C ASP C 5 2.39 7.40 -8.98
N ASN C 6 3.64 7.84 -9.06
CA ASN C 6 4.31 8.03 -10.34
C ASN C 6 4.35 6.75 -11.16
N LYS C 7 4.89 6.84 -12.38
CA LYS C 7 5.20 5.66 -13.17
C LYS C 7 6.70 5.40 -13.22
N GLU C 8 7.18 4.56 -12.32
CA GLU C 8 8.61 4.37 -12.15
C GLU C 8 8.91 3.16 -11.26
#